data_1F2N
#
_entry.id   1F2N
#
_cell.length_a   283.500
_cell.length_b   401.800
_cell.length_c   284.000
_cell.angle_alpha   90.00
_cell.angle_beta   89.40
_cell.angle_gamma   90.00
#
_symmetry.space_group_name_H-M   'P 1 21 1'
#
loop_
_entity.id
_entity.type
_entity.pdbx_description
1 polymer 'CAPSID PROTEIN'
2 non-polymer 'CALCIUM ION'
3 water water
#
_entity_poly.entity_id   1
_entity_poly.type   'polypeptide(L)'
_entity_poly.pdbx_seq_one_letter_code
;ARKGKKTNSNQGQQGKRKSRRPRGRSAEPQLQRAPVAQASRISGTVPGPLSSNTWPLHSVEFLADFKRSSTSADATTYDC
VPFNLPRVWSLARCYSMWKPTRWDVVYLPEVSATVAGSIEMCFLYDYADTIPRYTGKMSRTAGFVTSSVWYGAEGCHLLS
GGSARNAVVASMDCSRVGWKRVTSSIPSSVDPNVVNTILPARLAVRSSIKPTVSDTPGKLYVIASMVLRDPVDPTLNT
;
_entity_poly.pdbx_strand_id   A,B,C
#
# COMPACT_ATOMS: atom_id res chain seq x y z
N LEU A 50 -22.64 5.84 4.42
CA LEU A 50 -23.79 6.37 5.21
C LEU A 50 -23.45 6.61 6.68
N SER A 51 -22.87 5.62 7.37
CA SER A 51 -22.55 5.83 8.79
C SER A 51 -21.30 5.17 9.39
N SER A 52 -21.13 5.36 10.70
CA SER A 52 -20.00 4.83 11.47
C SER A 52 -18.67 5.26 10.86
N ASN A 53 -18.31 6.51 11.14
CA ASN A 53 -17.08 7.13 10.66
C ASN A 53 -17.12 7.37 9.16
N THR A 54 -18.27 7.71 8.60
CA THR A 54 -18.32 7.93 7.15
C THR A 54 -19.49 8.75 6.61
N TRP A 55 -19.19 9.81 5.85
CA TRP A 55 -20.25 10.63 5.21
C TRP A 55 -19.68 11.29 3.97
N PRO A 56 -20.41 11.22 2.82
CA PRO A 56 -19.92 11.82 1.57
C PRO A 56 -19.92 13.33 1.63
N LEU A 57 -19.03 13.94 0.88
CA LEU A 57 -18.92 15.39 0.85
C LEU A 57 -18.76 15.85 -0.59
N HIS A 58 -19.66 16.70 -1.05
CA HIS A 58 -19.61 17.23 -2.40
C HIS A 58 -19.29 18.71 -2.29
N SER A 59 -18.23 19.16 -2.94
CA SER A 59 -17.85 20.55 -2.85
C SER A 59 -17.35 21.15 -4.14
N VAL A 60 -17.34 22.48 -4.17
CA VAL A 60 -16.87 23.25 -5.31
C VAL A 60 -16.03 24.37 -4.73
N GLU A 61 -14.82 24.54 -5.25
CA GLU A 61 -13.96 25.57 -4.73
C GLU A 61 -12.98 26.06 -5.77
N PHE A 62 -12.56 27.30 -5.64
CA PHE A 62 -11.60 27.88 -6.55
C PHE A 62 -10.28 27.16 -6.26
N LEU A 63 -9.62 26.68 -7.30
CA LEU A 63 -8.36 25.98 -7.13
C LEU A 63 -7.17 26.92 -7.27
N ALA A 64 -7.10 27.58 -8.43
CA ALA A 64 -6.01 28.51 -8.70
C ALA A 64 -6.24 29.24 -10.02
N ASP A 65 -5.47 30.29 -10.23
CA ASP A 65 -5.54 31.08 -11.46
C ASP A 65 -4.73 30.35 -12.50
N PHE A 66 -5.20 30.33 -13.74
CA PHE A 66 -4.42 29.70 -14.80
C PHE A 66 -3.41 30.76 -15.18
N LYS A 67 -2.16 30.56 -14.78
CA LYS A 67 -1.09 31.51 -15.06
C LYS A 67 -0.24 31.06 -16.23
N ARG A 68 -0.07 31.94 -17.21
CA ARG A 68 0.74 31.62 -18.37
C ARG A 68 2.08 32.34 -18.26
N SER A 69 3.16 31.57 -18.24
CA SER A 69 4.50 32.15 -18.13
C SER A 69 4.93 32.69 -19.48
N SER A 70 5.55 33.85 -19.46
CA SER A 70 6.02 34.47 -20.68
C SER A 70 7.37 33.88 -21.10
N THR A 71 7.96 33.09 -20.22
CA THR A 71 9.26 32.51 -20.48
C THR A 71 9.35 30.98 -20.36
N SER A 72 8.62 30.39 -19.42
CA SER A 72 8.65 28.95 -19.24
C SER A 72 7.58 28.19 -20.03
N ALA A 73 7.94 27.02 -20.54
CA ALA A 73 7.02 26.19 -21.30
C ALA A 73 6.55 25.04 -20.44
N ASP A 74 7.13 24.94 -19.24
CA ASP A 74 6.80 23.88 -18.30
C ASP A 74 5.37 23.97 -17.78
N ALA A 75 4.83 22.84 -17.35
CA ALA A 75 3.48 22.83 -16.83
C ALA A 75 3.51 23.10 -15.34
N THR A 76 2.49 23.78 -14.84
CA THR A 76 2.40 24.07 -13.42
C THR A 76 1.68 22.86 -12.85
N THR A 77 2.04 22.50 -11.63
CA THR A 77 1.49 21.33 -10.99
C THR A 77 0.73 21.67 -9.71
N TYR A 78 -0.42 21.02 -9.52
CA TYR A 78 -1.24 21.25 -8.34
C TYR A 78 -1.53 19.93 -7.64
N ASP A 79 -1.24 19.86 -6.34
CA ASP A 79 -1.48 18.62 -5.60
C ASP A 79 -2.95 18.47 -5.24
N CYS A 80 -3.53 17.37 -5.67
CA CYS A 80 -4.94 17.13 -5.41
C CYS A 80 -5.19 16.51 -4.04
N VAL A 81 -5.10 17.35 -3.02
CA VAL A 81 -5.32 16.94 -1.64
C VAL A 81 -6.14 18.04 -0.98
N PRO A 82 -6.97 17.66 0.00
CA PRO A 82 -7.82 18.60 0.72
C PRO A 82 -7.16 19.89 1.22
N PHE A 83 -5.96 19.79 1.79
CA PHE A 83 -5.34 20.99 2.33
C PHE A 83 -5.05 22.11 1.34
N ASN A 84 -5.23 21.85 0.05
CA ASN A 84 -5.00 22.88 -0.96
C ASN A 84 -6.32 23.57 -1.34
N LEU A 85 -7.36 23.29 -0.57
CA LEU A 85 -8.67 23.88 -0.79
C LEU A 85 -9.19 24.30 0.58
N PRO A 86 -8.90 25.53 1.01
CA PRO A 86 -9.29 26.13 2.28
C PRO A 86 -10.58 25.60 2.92
N ARG A 87 -11.70 25.78 2.24
CA ARG A 87 -12.96 25.31 2.80
C ARG A 87 -12.99 23.79 2.95
N VAL A 88 -12.71 23.08 1.87
CA VAL A 88 -12.70 21.62 1.93
C VAL A 88 -11.75 21.17 3.03
N TRP A 89 -10.61 21.86 3.14
CA TRP A 89 -9.62 21.54 4.15
C TRP A 89 -10.23 21.66 5.54
N SER A 90 -10.97 22.73 5.77
CA SER A 90 -11.61 22.98 7.05
C SER A 90 -12.50 21.83 7.47
N LEU A 91 -12.98 21.05 6.49
CA LEU A 91 -13.84 19.91 6.77
C LEU A 91 -13.03 18.64 6.89
N ALA A 92 -12.23 18.37 5.86
CA ALA A 92 -11.40 17.17 5.81
C ALA A 92 -10.46 17.01 6.99
N ARG A 93 -9.97 18.13 7.52
CA ARG A 93 -9.04 18.08 8.65
C ARG A 93 -9.67 17.50 9.92
N CYS A 94 -10.99 17.38 9.94
CA CYS A 94 -11.67 16.84 11.11
C CYS A 94 -11.71 15.32 11.02
N TYR A 95 -11.11 14.79 9.97
CA TYR A 95 -11.10 13.36 9.77
C TYR A 95 -9.68 12.90 9.50
N SER A 96 -9.40 11.65 9.85
CA SER A 96 -8.08 11.07 9.69
C SER A 96 -7.82 10.58 8.29
N MET A 97 -8.85 10.02 7.66
CA MET A 97 -8.72 9.47 6.33
C MET A 97 -9.72 10.04 5.34
N TRP A 98 -9.30 10.13 4.09
CA TRP A 98 -10.18 10.63 3.04
C TRP A 98 -10.04 9.76 1.83
N LYS A 99 -11.03 9.80 0.96
CA LYS A 99 -11.04 9.01 -0.27
C LYS A 99 -11.75 9.82 -1.33
N PRO A 100 -11.02 10.27 -2.35
CA PRO A 100 -11.65 11.07 -3.41
C PRO A 100 -12.55 10.20 -4.25
N THR A 101 -13.75 10.70 -4.47
CA THR A 101 -14.75 10.00 -5.27
C THR A 101 -14.87 10.70 -6.63
N ARG A 102 -14.61 12.00 -6.67
CA ARG A 102 -14.73 12.72 -7.92
C ARG A 102 -13.55 13.56 -8.38
N TRP A 103 -13.29 14.69 -7.74
CA TRP A 103 -12.19 15.55 -8.17
C TRP A 103 -12.10 15.91 -9.67
N ASP A 104 -12.81 16.96 -10.07
CA ASP A 104 -12.80 17.45 -11.45
C ASP A 104 -12.37 18.91 -11.41
N VAL A 105 -11.51 19.33 -12.33
CA VAL A 105 -11.08 20.71 -12.36
C VAL A 105 -11.56 21.35 -13.66
N VAL A 106 -12.40 22.38 -13.51
CA VAL A 106 -12.97 23.11 -14.61
C VAL A 106 -12.21 24.38 -14.91
N TYR A 107 -11.99 24.65 -16.19
CA TYR A 107 -11.32 25.86 -16.59
C TYR A 107 -12.42 26.82 -17.04
N LEU A 108 -12.48 27.98 -16.41
CA LEU A 108 -13.47 28.98 -16.76
C LEU A 108 -12.69 30.21 -17.20
N PRO A 109 -12.81 30.58 -18.48
CA PRO A 109 -12.10 31.73 -19.06
C PRO A 109 -12.70 33.07 -18.75
N GLU A 110 -11.87 34.09 -18.81
CA GLU A 110 -12.30 35.45 -18.59
C GLU A 110 -11.44 36.44 -19.38
N VAL A 111 -11.24 36.13 -20.65
CA VAL A 111 -10.46 36.98 -21.55
C VAL A 111 -11.19 37.16 -22.86
N SER A 112 -10.69 38.10 -23.67
CA SER A 112 -11.25 38.42 -24.96
C SER A 112 -11.15 37.27 -25.94
N ALA A 113 -12.11 37.21 -26.87
CA ALA A 113 -12.15 36.16 -27.87
C ALA A 113 -11.02 36.32 -28.88
N THR A 114 -10.10 37.21 -28.60
CA THR A 114 -8.98 37.42 -29.51
C THR A 114 -7.69 36.91 -28.93
N VAL A 115 -7.70 36.45 -27.69
CA VAL A 115 -6.46 35.97 -27.14
C VAL A 115 -6.12 34.64 -27.79
N ALA A 116 -4.84 34.48 -28.14
CA ALA A 116 -4.37 33.26 -28.77
C ALA A 116 -3.82 32.33 -27.72
N GLY A 117 -3.58 31.08 -28.12
CA GLY A 117 -3.06 30.09 -27.21
C GLY A 117 -4.20 29.30 -26.60
N SER A 118 -3.86 28.22 -25.92
CA SER A 118 -4.86 27.38 -25.29
C SER A 118 -4.32 26.80 -23.99
N ILE A 119 -5.21 26.24 -23.18
CA ILE A 119 -4.81 25.65 -21.91
C ILE A 119 -4.80 24.13 -22.08
N GLU A 120 -3.82 23.49 -21.45
CA GLU A 120 -3.69 22.04 -21.52
C GLU A 120 -3.69 21.50 -20.11
N MET A 121 -4.44 20.44 -19.89
CA MET A 121 -4.53 19.84 -18.57
C MET A 121 -4.49 18.32 -18.65
N CYS A 122 -3.92 17.72 -17.61
CA CYS A 122 -3.80 16.27 -17.53
C CYS A 122 -3.47 15.95 -16.07
N PHE A 123 -3.60 14.70 -15.68
CA PHE A 123 -3.31 14.34 -14.30
C PHE A 123 -2.11 13.40 -14.25
N LEU A 124 -1.28 13.58 -13.22
CA LEU A 124 -0.10 12.75 -13.01
C LEU A 124 -0.35 11.90 -11.75
N TYR A 125 -0.38 10.59 -11.92
CA TYR A 125 -0.64 9.72 -10.77
C TYR A 125 0.57 9.13 -10.08
N ASP A 126 1.77 9.60 -10.43
CA ASP A 126 2.99 9.14 -9.78
C ASP A 126 3.91 10.34 -9.62
N TYR A 127 4.19 10.69 -8.37
CA TYR A 127 5.05 11.83 -8.08
C TYR A 127 6.38 11.77 -8.82
N ALA A 128 6.86 10.55 -9.05
CA ALA A 128 8.12 10.34 -9.73
C ALA A 128 8.08 10.72 -11.19
N ASP A 129 6.90 10.66 -11.79
CA ASP A 129 6.77 10.99 -13.21
C ASP A 129 7.14 12.43 -13.54
N THR A 130 7.84 12.59 -14.66
CA THR A 130 8.27 13.90 -15.11
C THR A 130 7.10 14.74 -15.58
N ILE A 131 7.15 16.01 -15.27
CA ILE A 131 6.10 16.94 -15.65
C ILE A 131 6.21 17.31 -17.12
N PRO A 132 5.13 17.13 -17.89
CA PRO A 132 5.10 17.43 -19.33
C PRO A 132 5.65 18.82 -19.66
N ARG A 133 6.59 18.83 -20.60
CA ARG A 133 7.26 20.03 -21.07
C ARG A 133 6.59 20.62 -22.30
N TYR A 134 5.81 19.80 -23.00
CA TYR A 134 5.16 20.27 -24.20
C TYR A 134 3.80 19.65 -24.52
N THR A 135 3.17 20.11 -25.59
CA THR A 135 1.85 19.61 -25.99
C THR A 135 1.79 18.11 -26.19
N GLY A 136 2.72 17.56 -26.96
CA GLY A 136 2.71 16.13 -27.19
C GLY A 136 2.70 15.37 -25.89
N LYS A 137 3.60 15.76 -24.99
CA LYS A 137 3.72 15.13 -23.68
C LYS A 137 2.41 15.23 -22.90
N MET A 138 1.82 16.41 -22.87
CA MET A 138 0.56 16.59 -22.15
C MET A 138 -0.48 15.66 -22.78
N SER A 139 -0.60 15.73 -24.10
CA SER A 139 -1.56 14.94 -24.85
C SER A 139 -1.47 13.44 -24.62
N ARG A 140 -0.31 12.96 -24.19
CA ARG A 140 -0.13 11.54 -23.97
C ARG A 140 -0.43 11.09 -22.56
N THR A 141 -0.73 12.02 -21.65
CA THR A 141 -1.00 11.60 -20.30
C THR A 141 -2.48 11.62 -19.92
N ALA A 142 -2.82 10.80 -18.94
CA ALA A 142 -4.17 10.63 -18.44
C ALA A 142 -4.96 11.91 -18.22
N GLY A 143 -6.24 11.84 -18.56
CA GLY A 143 -7.15 12.96 -18.37
C GLY A 143 -6.88 14.16 -19.25
N PHE A 144 -5.94 14.04 -20.17
CA PHE A 144 -5.61 15.15 -21.05
C PHE A 144 -6.82 15.80 -21.67
N VAL A 145 -6.79 17.13 -21.66
CA VAL A 145 -7.82 17.96 -22.25
C VAL A 145 -7.14 19.29 -22.57
N THR A 146 -7.53 19.89 -23.68
CA THR A 146 -6.94 21.15 -24.09
C THR A 146 -8.04 21.99 -24.72
N SER A 147 -7.92 23.31 -24.61
CA SER A 147 -8.93 24.18 -25.17
C SER A 147 -8.44 25.60 -25.32
N SER A 148 -8.92 26.28 -26.35
CA SER A 148 -8.54 27.67 -26.58
C SER A 148 -8.76 28.42 -25.28
N VAL A 149 -7.78 29.22 -24.92
CA VAL A 149 -7.82 29.99 -23.70
C VAL A 149 -9.09 30.85 -23.47
N TRP A 150 -9.77 31.28 -24.53
CA TRP A 150 -10.96 32.10 -24.32
C TRP A 150 -12.28 31.33 -24.36
N TYR A 151 -12.19 30.01 -24.49
CA TYR A 151 -13.37 29.17 -24.54
C TYR A 151 -13.59 28.46 -23.22
N GLY A 152 -14.85 28.12 -22.91
CA GLY A 152 -15.12 27.39 -21.70
C GLY A 152 -16.13 27.99 -20.74
N ALA A 153 -16.57 29.21 -21.00
CA ALA A 153 -17.53 29.86 -20.12
C ALA A 153 -18.82 29.07 -19.98
N GLU A 154 -19.16 28.33 -21.02
CA GLU A 154 -20.37 27.52 -21.03
C GLU A 154 -20.33 26.45 -19.95
N GLY A 155 -19.15 26.20 -19.41
CA GLY A 155 -19.03 25.17 -18.39
C GLY A 155 -19.31 25.67 -17.00
N CYS A 156 -19.85 26.86 -16.87
CA CYS A 156 -20.12 27.38 -15.53
C CYS A 156 -21.29 26.68 -14.85
N HIS A 157 -22.24 26.14 -15.62
CA HIS A 157 -23.36 25.45 -14.99
C HIS A 157 -22.88 24.14 -14.39
N LEU A 158 -21.65 23.77 -14.72
CA LEU A 158 -21.07 22.56 -14.19
C LEU A 158 -20.80 22.81 -12.71
N LEU A 159 -20.52 24.06 -12.36
CA LEU A 159 -20.25 24.43 -10.97
C LEU A 159 -21.49 24.25 -10.09
N SER A 160 -22.66 24.39 -10.70
CA SER A 160 -23.90 24.24 -9.95
C SER A 160 -24.82 23.39 -10.80
N GLY A 161 -24.94 22.10 -10.51
CA GLY A 161 -25.80 21.30 -11.35
C GLY A 161 -24.88 20.39 -12.11
N GLY A 162 -25.13 20.13 -13.39
CA GLY A 162 -24.26 19.23 -14.12
C GLY A 162 -24.08 19.67 -15.56
N SER A 163 -24.16 18.73 -16.49
CA SER A 163 -24.01 19.03 -17.91
C SER A 163 -22.65 19.60 -18.23
N ALA A 164 -21.67 18.71 -18.27
CA ALA A 164 -20.31 19.11 -18.58
C ALA A 164 -20.24 19.19 -20.12
N ARG A 165 -21.43 19.31 -20.74
CA ARG A 165 -21.60 19.36 -22.20
C ARG A 165 -20.68 20.25 -23.02
N ASN A 166 -20.27 21.40 -22.51
CA ASN A 166 -19.37 22.24 -23.28
C ASN A 166 -18.28 22.76 -22.37
N ALA A 167 -18.07 22.04 -21.29
CA ALA A 167 -17.08 22.40 -20.29
C ALA A 167 -15.68 22.02 -20.67
N VAL A 168 -14.72 22.56 -19.93
CA VAL A 168 -13.32 22.24 -20.15
C VAL A 168 -12.94 21.65 -18.81
N VAL A 169 -13.21 20.36 -18.65
CA VAL A 169 -12.93 19.71 -17.38
C VAL A 169 -11.79 18.72 -17.52
N ALA A 170 -11.01 18.59 -16.47
CA ALA A 170 -9.94 17.60 -16.42
C ALA A 170 -10.34 16.71 -15.24
N SER A 171 -10.81 15.49 -15.55
CA SER A 171 -11.24 14.58 -14.50
C SER A 171 -10.17 13.63 -14.01
N MET A 172 -10.06 13.52 -12.70
CA MET A 172 -9.08 12.62 -12.11
C MET A 172 -9.69 11.24 -11.98
N ASP A 173 -8.90 10.22 -12.23
CA ASP A 173 -9.36 8.85 -12.11
C ASP A 173 -9.46 8.54 -10.63
N CYS A 174 -10.68 8.53 -10.10
CA CYS A 174 -10.89 8.28 -8.70
C CYS A 174 -11.29 6.86 -8.38
N SER A 175 -11.88 6.18 -9.35
CA SER A 175 -12.26 4.79 -9.11
C SER A 175 -10.95 4.13 -8.70
N ARG A 176 -11.03 3.15 -7.82
CA ARG A 176 -9.83 2.46 -7.39
C ARG A 176 -8.77 3.34 -6.72
N VAL A 177 -9.20 4.42 -6.08
CA VAL A 177 -8.26 5.26 -5.32
C VAL A 177 -8.69 4.90 -3.90
N GLY A 178 -7.77 4.35 -3.12
CA GLY A 178 -8.14 3.95 -1.78
C GLY A 178 -8.14 5.02 -0.72
N TRP A 179 -8.36 4.60 0.51
CA TRP A 179 -8.38 5.52 1.64
C TRP A 179 -6.97 6.04 1.85
N LYS A 180 -6.82 7.36 1.91
CA LYS A 180 -5.52 7.98 2.12
C LYS A 180 -5.61 8.80 3.40
N ARG A 181 -4.52 8.88 4.15
CA ARG A 181 -4.56 9.68 5.37
C ARG A 181 -4.56 11.15 4.97
N VAL A 182 -5.39 11.93 5.65
CA VAL A 182 -5.48 13.36 5.42
C VAL A 182 -4.20 13.97 5.99
N THR A 183 -3.55 14.86 5.24
CA THR A 183 -2.32 15.48 5.75
C THR A 183 -2.41 16.98 5.60
N SER A 184 -1.58 17.69 6.36
CA SER A 184 -1.59 19.15 6.30
C SER A 184 -0.48 19.61 5.37
N SER A 185 0.28 18.65 4.86
CA SER A 185 1.38 18.95 3.97
C SER A 185 1.90 17.72 3.20
N ILE A 186 2.93 17.96 2.39
CA ILE A 186 3.54 16.96 1.54
C ILE A 186 5.05 16.92 1.71
N PRO A 187 5.63 15.72 1.81
CA PRO A 187 7.09 15.61 1.97
C PRO A 187 7.74 15.70 0.59
N SER A 188 7.88 16.92 0.06
CA SER A 188 8.43 17.16 -1.27
C SER A 188 9.88 16.72 -1.54
N SER A 189 10.70 16.63 -0.50
CA SER A 189 12.10 16.23 -0.62
C SER A 189 12.31 14.71 -0.46
N VAL A 190 11.21 13.97 -0.43
CA VAL A 190 11.29 12.55 -0.20
C VAL A 190 11.13 11.71 -1.46
N ASP A 191 11.38 10.42 -1.32
CA ASP A 191 11.23 9.49 -2.43
C ASP A 191 9.80 9.65 -2.91
N PRO A 192 9.62 9.71 -4.23
CA PRO A 192 8.28 9.87 -4.80
C PRO A 192 7.28 8.85 -4.26
N ASN A 193 7.77 7.65 -3.98
CA ASN A 193 6.91 6.60 -3.48
C ASN A 193 6.31 6.93 -2.11
N VAL A 194 7.06 7.70 -1.33
CA VAL A 194 6.57 8.11 -0.02
C VAL A 194 5.46 9.13 -0.24
N VAL A 195 5.70 10.04 -1.18
CA VAL A 195 4.73 11.07 -1.50
C VAL A 195 3.45 10.45 -2.06
N ASN A 196 3.60 9.43 -2.90
CA ASN A 196 2.46 8.78 -3.52
C ASN A 196 1.48 8.22 -2.52
N THR A 197 1.97 8.02 -1.30
CA THR A 197 1.19 7.50 -0.19
C THR A 197 0.06 8.44 0.19
N ILE A 198 0.34 9.74 0.09
CA ILE A 198 -0.63 10.77 0.44
C ILE A 198 -1.17 11.53 -0.76
N LEU A 199 -0.51 11.41 -1.90
CA LEU A 199 -0.92 12.15 -3.09
C LEU A 199 -1.58 11.30 -4.18
N PRO A 200 -2.91 11.28 -4.21
CA PRO A 200 -3.62 10.49 -5.23
C PRO A 200 -3.16 10.85 -6.64
N ALA A 201 -3.01 12.14 -6.89
CA ALA A 201 -2.57 12.61 -8.19
C ALA A 201 -2.24 14.10 -8.18
N ARG A 202 -1.63 14.56 -9.27
CA ARG A 202 -1.26 15.96 -9.44
C ARG A 202 -1.92 16.44 -10.71
N LEU A 203 -2.46 17.65 -10.69
CA LEU A 203 -3.07 18.20 -11.88
C LEU A 203 -1.95 18.98 -12.56
N ALA A 204 -1.71 18.69 -13.83
CA ALA A 204 -0.69 19.40 -14.58
C ALA A 204 -1.38 20.33 -15.56
N VAL A 205 -1.11 21.63 -15.42
CA VAL A 205 -1.71 22.63 -16.29
C VAL A 205 -0.61 23.29 -17.10
N ARG A 206 -0.82 23.44 -18.40
CA ARG A 206 0.19 24.04 -19.26
C ARG A 206 -0.39 24.99 -20.29
N SER A 207 0.42 25.97 -20.70
CA SER A 207 0.00 26.93 -21.72
C SER A 207 0.68 26.52 -23.01
N SER A 208 -0.10 26.40 -24.08
CA SER A 208 0.42 26.00 -25.38
C SER A 208 1.11 27.17 -26.06
N ILE A 209 1.33 28.24 -25.32
CA ILE A 209 1.94 29.43 -25.90
C ILE A 209 2.56 30.33 -24.84
N LYS A 210 3.64 31.01 -25.21
CA LYS A 210 4.31 31.93 -24.30
C LYS A 210 3.80 33.33 -24.63
N PRO A 211 2.97 33.91 -23.76
CA PRO A 211 2.46 35.26 -24.03
C PRO A 211 3.62 36.25 -23.89
N THR A 212 3.43 37.47 -24.39
CA THR A 212 4.48 38.48 -24.31
C THR A 212 4.81 38.80 -22.85
N VAL A 213 3.79 38.75 -22.00
CA VAL A 213 3.97 39.00 -20.57
C VAL A 213 3.13 38.00 -19.78
N SER A 214 3.64 37.59 -18.62
CA SER A 214 2.92 36.65 -17.79
C SER A 214 1.49 37.19 -17.63
N ASP A 215 0.51 36.31 -17.76
CA ASP A 215 -0.89 36.73 -17.66
C ASP A 215 -1.78 35.56 -17.23
N THR A 216 -2.98 35.85 -16.77
CA THR A 216 -3.91 34.81 -16.34
C THR A 216 -5.24 34.96 -17.09
N PRO A 217 -5.44 34.13 -18.12
CA PRO A 217 -6.66 34.16 -18.95
C PRO A 217 -7.92 33.60 -18.32
N GLY A 218 -7.76 32.76 -17.31
CA GLY A 218 -8.92 32.18 -16.67
C GLY A 218 -8.57 31.57 -15.34
N LYS A 219 -9.53 30.90 -14.71
CA LYS A 219 -9.30 30.29 -13.42
C LYS A 219 -9.69 28.83 -13.41
N LEU A 220 -9.13 28.10 -12.46
CA LEU A 220 -9.41 26.68 -12.32
C LEU A 220 -10.24 26.49 -11.06
N TYR A 221 -11.35 25.78 -11.21
CA TYR A 221 -12.23 25.51 -10.08
C TYR A 221 -12.30 24.01 -9.88
N VAL A 222 -12.18 23.59 -8.63
CA VAL A 222 -12.23 22.19 -8.30
C VAL A 222 -13.62 21.77 -7.89
N ILE A 223 -14.07 20.66 -8.45
CA ILE A 223 -15.37 20.11 -8.10
C ILE A 223 -15.02 18.75 -7.54
N ALA A 224 -14.81 18.71 -6.22
CA ALA A 224 -14.45 17.48 -5.53
C ALA A 224 -15.63 16.80 -4.81
N SER A 225 -15.56 15.48 -4.69
CA SER A 225 -16.58 14.67 -3.99
C SER A 225 -15.78 13.62 -3.27
N MET A 226 -15.86 13.58 -1.95
CA MET A 226 -15.08 12.60 -1.20
C MET A 226 -15.83 12.04 -0.01
N VAL A 227 -15.21 11.05 0.65
CA VAL A 227 -15.79 10.47 1.85
C VAL A 227 -14.67 10.53 2.89
N LEU A 228 -15.01 10.94 4.11
CA LEU A 228 -14.04 11.06 5.18
C LEU A 228 -14.30 9.95 6.17
N ARG A 229 -13.30 9.53 6.95
CA ARG A 229 -13.53 8.41 7.83
C ARG A 229 -13.34 8.49 9.32
N ASP A 230 -12.10 8.55 9.81
CA ASP A 230 -11.98 8.52 11.25
C ASP A 230 -11.73 9.86 11.91
N PRO A 231 -12.70 10.31 12.73
CA PRO A 231 -12.63 11.59 13.44
C PRO A 231 -11.28 11.91 14.04
N VAL A 232 -10.95 13.19 14.03
CA VAL A 232 -9.69 13.65 14.61
C VAL A 232 -9.83 15.13 14.94
N ASP A 233 -9.17 15.59 16.01
CA ASP A 233 -9.24 17.00 16.37
C ASP A 233 -8.58 17.79 15.21
N PRO A 234 -9.30 18.75 14.62
CA PRO A 234 -8.80 19.55 13.51
C PRO A 234 -7.40 20.13 13.76
N THR A 235 -7.16 20.51 15.00
CA THR A 235 -5.89 21.10 15.36
C THR A 235 -4.75 20.11 15.46
N LEU A 236 -5.09 18.83 15.56
CA LEU A 236 -4.06 17.80 15.69
C LEU A 236 -3.81 17.05 14.39
N ASN A 237 -4.50 17.46 13.33
CA ASN A 237 -4.36 16.79 12.05
C ASN A 237 -3.19 17.31 11.20
N THR A 238 -2.25 16.41 10.94
CA THR A 238 -1.07 16.74 10.16
C THR A 238 -0.92 15.71 9.04
N LEU B 50 -12.70 -4.19 -18.81
CA LEU B 50 -13.17 -3.61 -20.11
C LEU B 50 -12.40 -2.36 -20.53
N SER B 51 -13.04 -1.20 -20.37
CA SER B 51 -12.44 0.08 -20.74
C SER B 51 -12.56 1.19 -19.69
N SER B 52 -12.13 2.39 -20.09
CA SER B 52 -12.11 3.61 -19.29
C SER B 52 -10.83 3.71 -18.48
N ASN B 53 -9.74 3.90 -19.22
CA ASN B 53 -8.41 4.00 -18.65
C ASN B 53 -8.04 2.71 -17.98
N THR B 54 -8.16 1.58 -18.68
CA THR B 54 -7.79 0.29 -18.09
C THR B 54 -7.58 -0.69 -19.24
N TRP B 55 -6.33 -1.08 -19.49
CA TRP B 55 -6.06 -2.02 -20.57
C TRP B 55 -5.48 -3.34 -20.02
N PRO B 56 -6.20 -4.47 -20.20
CA PRO B 56 -5.73 -5.79 -19.73
C PRO B 56 -4.62 -6.35 -20.62
N LEU B 57 -3.67 -7.06 -20.01
CA LEU B 57 -2.54 -7.58 -20.77
C LEU B 57 -1.98 -8.91 -20.29
N HIS B 58 -1.85 -9.86 -21.21
CA HIS B 58 -1.30 -11.19 -20.90
C HIS B 58 -0.02 -11.36 -21.69
N SER B 59 1.10 -11.50 -21.01
CA SER B 59 2.36 -11.65 -21.73
C SER B 59 3.19 -12.81 -21.23
N VAL B 60 4.17 -13.16 -22.04
CA VAL B 60 5.10 -14.23 -21.73
C VAL B 60 6.45 -13.67 -22.12
N GLU B 61 7.42 -13.73 -21.21
CA GLU B 61 8.72 -13.21 -21.53
C GLU B 61 9.79 -13.93 -20.75
N PHE B 62 10.98 -13.95 -21.32
CA PHE B 62 12.12 -14.57 -20.66
C PHE B 62 12.39 -13.64 -19.49
N LEU B 63 12.57 -14.20 -18.30
CA LEU B 63 12.84 -13.38 -17.13
C LEU B 63 14.34 -13.29 -16.89
N ALA B 64 14.98 -14.46 -16.79
CA ALA B 64 16.40 -14.50 -16.53
C ALA B 64 16.92 -15.93 -16.58
N ASP B 65 18.24 -16.06 -16.58
CA ASP B 65 18.89 -17.37 -16.59
C ASP B 65 18.92 -17.84 -15.15
N PHE B 66 18.69 -19.12 -14.92
CA PHE B 66 18.78 -19.64 -13.57
C PHE B 66 20.29 -19.80 -13.38
N LYS B 67 20.88 -18.98 -12.52
CA LYS B 67 22.32 -19.04 -12.30
C LYS B 67 22.68 -19.73 -10.99
N ARG B 68 23.61 -20.68 -11.07
CA ARG B 68 24.05 -21.40 -9.88
C ARG B 68 25.46 -20.96 -9.54
N SER B 69 25.63 -20.49 -8.30
CA SER B 69 26.94 -20.04 -7.85
C SER B 69 27.71 -21.18 -7.24
N SER B 70 29.02 -21.17 -7.43
CA SER B 70 29.86 -22.22 -6.88
C SER B 70 30.38 -21.78 -5.53
N THR B 71 30.03 -20.57 -5.13
CA THR B 71 30.49 -20.04 -3.85
C THR B 71 29.36 -19.57 -2.94
N SER B 72 28.40 -18.83 -3.50
CA SER B 72 27.30 -18.33 -2.69
C SER B 72 26.10 -19.27 -2.59
N ALA B 73 25.52 -19.36 -1.40
CA ALA B 73 24.36 -20.23 -1.18
C ALA B 73 23.10 -19.37 -1.16
N ASP B 74 23.29 -18.07 -1.32
CA ASP B 74 22.19 -17.11 -1.30
C ASP B 74 21.31 -17.25 -2.52
N ALA B 75 20.04 -16.92 -2.36
CA ALA B 75 19.11 -17.00 -3.46
C ALA B 75 19.26 -15.71 -4.27
N THR B 76 18.83 -15.74 -5.52
CA THR B 76 18.88 -14.55 -6.36
C THR B 76 17.43 -14.09 -6.38
N THR B 77 17.22 -12.80 -6.16
CA THR B 77 15.87 -12.28 -6.16
C THR B 77 15.57 -11.46 -7.39
N TYR B 78 14.33 -11.57 -7.87
CA TYR B 78 13.90 -10.84 -9.04
C TYR B 78 12.68 -10.02 -8.66
N ASP B 79 12.74 -8.71 -8.91
CA ASP B 79 11.63 -7.83 -8.58
C ASP B 79 10.46 -8.02 -9.54
N CYS B 80 9.31 -8.41 -9.01
CA CYS B 80 8.14 -8.63 -9.83
C CYS B 80 7.48 -7.33 -10.25
N VAL B 81 8.12 -6.64 -11.18
CA VAL B 81 7.63 -5.39 -11.69
C VAL B 81 7.90 -5.33 -13.18
N PRO B 82 7.04 -4.63 -13.94
CA PRO B 82 7.19 -4.50 -15.39
C PRO B 82 8.55 -4.09 -15.95
N PHE B 83 9.24 -3.14 -15.33
CA PHE B 83 10.51 -2.72 -15.91
C PHE B 83 11.57 -3.80 -16.00
N ASN B 84 11.30 -4.96 -15.43
CA ASN B 84 12.26 -6.06 -15.47
C ASN B 84 12.06 -6.95 -16.69
N LEU B 85 11.02 -6.66 -17.46
CA LEU B 85 10.69 -7.41 -18.67
C LEU B 85 10.63 -6.40 -19.82
N PRO B 86 11.73 -6.30 -20.59
CA PRO B 86 11.83 -5.37 -21.72
C PRO B 86 10.56 -5.17 -22.56
N ARG B 87 10.00 -6.23 -23.12
CA ARG B 87 8.81 -6.05 -23.92
C ARG B 87 7.64 -5.53 -23.10
N VAL B 88 7.35 -6.18 -21.97
CA VAL B 88 6.25 -5.76 -21.12
C VAL B 88 6.46 -4.32 -20.67
N TRP B 89 7.71 -3.96 -20.42
CA TRP B 89 8.04 -2.60 -19.99
C TRP B 89 7.64 -1.62 -21.08
N SER B 90 7.94 -1.96 -22.33
CA SER B 90 7.61 -1.11 -23.46
C SER B 90 6.14 -0.75 -23.42
N LEU B 91 5.32 -1.67 -22.95
CA LEU B 91 3.87 -1.46 -22.86
C LEU B 91 3.48 -0.75 -21.57
N ALA B 92 3.91 -1.31 -20.45
CA ALA B 92 3.59 -0.76 -19.13
C ALA B 92 4.06 0.68 -18.92
N ARG B 93 5.21 1.04 -19.46
CA ARG B 93 5.72 2.39 -19.27
C ARG B 93 4.80 3.46 -19.84
N CYS B 94 3.80 3.03 -20.61
CA CYS B 94 2.84 3.95 -21.22
C CYS B 94 1.69 4.22 -20.28
N TYR B 95 1.77 3.66 -19.08
CA TYR B 95 0.73 3.82 -18.09
C TYR B 95 1.30 4.19 -16.73
N SER B 96 0.51 4.92 -15.95
CA SER B 96 0.91 5.37 -14.62
C SER B 96 0.74 4.29 -13.56
N MET B 97 -0.31 3.49 -13.70
CA MET B 97 -0.61 2.44 -12.74
C MET B 97 -0.74 1.06 -13.35
N TRP B 98 -0.41 0.04 -12.56
CA TRP B 98 -0.53 -1.33 -13.00
C TRP B 98 -1.00 -2.17 -11.83
N LYS B 99 -1.57 -3.33 -12.15
CA LYS B 99 -2.06 -4.24 -11.12
C LYS B 99 -1.87 -5.65 -11.63
N PRO B 100 -0.95 -6.40 -11.01
CA PRO B 100 -0.69 -7.78 -11.44
C PRO B 100 -1.90 -8.64 -11.14
N THR B 101 -2.20 -9.54 -12.06
CA THR B 101 -3.33 -10.43 -11.94
C THR B 101 -2.83 -11.86 -11.88
N ARG B 102 -1.72 -12.14 -12.56
CA ARG B 102 -1.18 -13.49 -12.56
C ARG B 102 0.27 -13.63 -12.14
N TRP B 103 1.19 -13.11 -12.93
CA TRP B 103 2.61 -13.28 -12.59
C TRP B 103 3.06 -14.67 -12.11
N ASP B 104 3.41 -15.55 -13.06
CA ASP B 104 3.88 -16.90 -12.76
C ASP B 104 5.24 -17.04 -13.43
N VAL B 105 6.21 -17.64 -12.74
CA VAL B 105 7.52 -17.83 -13.33
C VAL B 105 7.77 -19.32 -13.45
N VAL B 106 7.91 -19.78 -14.69
CA VAL B 106 8.13 -21.19 -14.96
C VAL B 106 9.59 -21.44 -15.29
N TYR B 107 10.13 -22.54 -14.76
CA TYR B 107 11.53 -22.89 -15.00
C TYR B 107 11.61 -23.93 -16.11
N LEU B 108 12.41 -23.65 -17.13
CA LEU B 108 12.58 -24.58 -18.24
C LEU B 108 14.06 -24.93 -18.25
N PRO B 109 14.37 -26.23 -18.02
CA PRO B 109 15.73 -26.74 -17.99
C PRO B 109 16.33 -27.02 -19.34
N GLU B 110 17.64 -27.14 -19.38
CA GLU B 110 18.34 -27.45 -20.61
C GLU B 110 19.71 -28.04 -20.30
N VAL B 111 19.70 -29.06 -19.45
CA VAL B 111 20.91 -29.77 -19.04
C VAL B 111 20.67 -31.28 -19.03
N SER B 112 21.75 -32.04 -18.92
CA SER B 112 21.71 -33.50 -18.87
C SER B 112 20.85 -33.96 -17.69
N ALA B 113 20.24 -35.13 -17.79
CA ALA B 113 19.40 -35.61 -16.71
C ALA B 113 20.25 -36.10 -15.53
N THR B 114 21.56 -36.12 -15.71
CA THR B 114 22.42 -36.56 -14.63
C THR B 114 23.00 -35.38 -13.88
N VAL B 115 22.71 -34.15 -14.29
CA VAL B 115 23.29 -33.07 -13.52
C VAL B 115 22.75 -33.11 -12.10
N ALA B 116 23.57 -32.72 -11.14
CA ALA B 116 23.15 -32.76 -9.75
C ALA B 116 22.55 -31.45 -9.28
N GLY B 117 21.67 -31.51 -8.29
CA GLY B 117 21.11 -30.27 -7.78
C GLY B 117 19.65 -30.07 -8.11
N SER B 118 19.07 -29.05 -7.50
CA SER B 118 17.69 -28.73 -7.67
C SER B 118 17.56 -27.22 -7.75
N ILE B 119 16.41 -26.75 -8.22
CA ILE B 119 16.15 -25.32 -8.27
C ILE B 119 15.07 -25.09 -7.21
N GLU B 120 15.22 -24.04 -6.43
CA GLU B 120 14.27 -23.72 -5.39
C GLU B 120 13.69 -22.35 -5.65
N MET B 121 12.38 -22.22 -5.49
CA MET B 121 11.72 -20.96 -5.74
C MET B 121 10.65 -20.67 -4.72
N CYS B 122 10.50 -19.39 -4.40
CA CYS B 122 9.48 -18.93 -3.46
C CYS B 122 9.37 -17.43 -3.65
N PHE B 123 8.31 -16.84 -3.12
CA PHE B 123 8.13 -15.40 -3.26
C PHE B 123 8.27 -14.69 -1.91
N LEU B 124 8.90 -13.53 -1.94
CA LEU B 124 9.08 -12.71 -0.74
C LEU B 124 8.19 -11.48 -0.90
N TYR B 125 7.21 -11.34 -0.01
CA TYR B 125 6.28 -10.23 -0.09
C TYR B 125 6.62 -8.99 0.74
N ASP B 126 7.80 -8.99 1.34
CA ASP B 126 8.24 -7.84 2.11
C ASP B 126 9.72 -7.61 1.82
N TYR B 127 10.04 -6.42 1.34
CA TYR B 127 11.42 -6.10 1.01
C TYR B 127 12.32 -6.23 2.23
N ALA B 128 11.76 -5.98 3.41
CA ALA B 128 12.51 -6.07 4.64
C ALA B 128 12.94 -7.50 4.91
N ASP B 129 12.17 -8.47 4.41
CA ASP B 129 12.49 -9.88 4.60
C ASP B 129 13.81 -10.29 3.97
N THR B 130 14.59 -11.04 4.74
CA THR B 130 15.91 -11.50 4.31
C THR B 130 15.88 -12.55 3.21
N ILE B 131 16.83 -12.43 2.28
CA ILE B 131 16.91 -13.38 1.18
C ILE B 131 17.37 -14.74 1.69
N PRO B 132 16.60 -15.80 1.40
CA PRO B 132 16.90 -17.17 1.80
C PRO B 132 18.31 -17.60 1.41
N ARG B 133 19.03 -18.15 2.39
CA ARG B 133 20.41 -18.60 2.19
C ARG B 133 20.49 -20.12 2.22
N TYR B 134 19.33 -20.78 2.27
CA TYR B 134 19.30 -22.23 2.30
C TYR B 134 17.92 -22.87 2.08
N THR B 135 17.93 -24.16 1.76
CA THR B 135 16.72 -24.92 1.47
C THR B 135 15.55 -24.84 2.46
N GLY B 136 15.84 -24.86 3.76
CA GLY B 136 14.76 -24.78 4.71
C GLY B 136 14.05 -23.44 4.63
N LYS B 137 14.84 -22.37 4.65
CA LYS B 137 14.34 -21.01 4.56
C LYS B 137 13.40 -20.88 3.37
N MET B 138 13.78 -21.56 2.30
CA MET B 138 13.02 -21.58 1.07
C MET B 138 11.75 -22.42 1.22
N SER B 139 11.93 -23.63 1.74
CA SER B 139 10.83 -24.57 1.92
C SER B 139 9.75 -24.04 2.87
N ARG B 140 10.16 -23.10 3.72
CA ARG B 140 9.26 -22.54 4.71
C ARG B 140 8.46 -21.33 4.23
N THR B 141 8.92 -20.69 3.15
CA THR B 141 8.20 -19.49 2.68
C THR B 141 7.20 -19.78 1.58
N ALA B 142 6.43 -18.74 1.25
CA ALA B 142 5.37 -18.74 0.26
C ALA B 142 5.75 -19.12 -1.16
N GLY B 143 4.87 -19.87 -1.79
CA GLY B 143 5.08 -20.30 -3.16
C GLY B 143 6.21 -21.28 -3.38
N PHE B 144 6.73 -21.84 -2.29
CA PHE B 144 7.83 -22.77 -2.37
C PHE B 144 7.64 -23.83 -3.44
N VAL B 145 8.74 -24.18 -4.07
CA VAL B 145 8.75 -25.20 -5.11
C VAL B 145 10.19 -25.55 -5.40
N THR B 146 10.48 -26.83 -5.43
CA THR B 146 11.81 -27.28 -5.72
C THR B 146 11.68 -28.45 -6.69
N SER B 147 12.63 -28.56 -7.60
CA SER B 147 12.61 -29.64 -8.57
C SER B 147 14.01 -29.83 -9.11
N SER B 148 14.37 -31.06 -9.42
CA SER B 148 15.69 -31.36 -9.95
C SER B 148 15.97 -30.43 -11.10
N VAL B 149 17.17 -29.88 -11.10
CA VAL B 149 17.62 -28.93 -12.10
C VAL B 149 17.37 -29.34 -13.56
N TRP B 150 17.42 -30.64 -13.84
CA TRP B 150 17.22 -31.17 -15.18
C TRP B 150 15.76 -31.38 -15.58
N TYR B 151 14.87 -31.35 -14.59
CA TYR B 151 13.45 -31.57 -14.83
C TYR B 151 12.69 -30.29 -15.16
N GLY B 152 11.66 -30.40 -15.99
CA GLY B 152 10.87 -29.23 -16.31
C GLY B 152 10.37 -29.03 -17.74
N ALA B 153 11.10 -29.53 -18.73
CA ALA B 153 10.72 -29.38 -20.14
C ALA B 153 9.22 -29.43 -20.41
N GLU B 154 8.49 -30.28 -19.69
CA GLU B 154 7.05 -30.38 -19.89
C GLU B 154 6.36 -29.02 -19.71
N GLY B 155 7.07 -28.07 -19.12
CA GLY B 155 6.49 -26.77 -18.89
C GLY B 155 6.37 -25.89 -20.11
N CYS B 156 6.96 -26.30 -21.23
CA CYS B 156 6.89 -25.50 -22.45
C CYS B 156 5.45 -25.35 -22.90
N HIS B 157 4.59 -26.26 -22.43
CA HIS B 157 3.19 -26.19 -22.80
C HIS B 157 2.53 -25.03 -22.08
N LEU B 158 3.10 -24.62 -20.96
CA LEU B 158 2.55 -23.50 -20.23
C LEU B 158 2.74 -22.25 -21.04
N LEU B 159 3.92 -22.14 -21.66
CA LEU B 159 4.23 -20.97 -22.47
C LEU B 159 3.17 -20.79 -23.55
N SER B 160 3.12 -21.76 -24.46
CA SER B 160 2.15 -21.72 -25.55
C SER B 160 0.89 -22.37 -25.04
N GLY B 161 -0.16 -21.60 -24.79
CA GLY B 161 -1.38 -22.22 -24.29
C GLY B 161 -1.31 -22.41 -22.79
N GLY B 162 -1.20 -23.63 -22.30
CA GLY B 162 -1.09 -23.77 -20.86
C GLY B 162 -1.79 -24.96 -20.30
N SER B 163 -1.04 -25.94 -19.83
CA SER B 163 -1.67 -27.10 -19.28
C SER B 163 -0.74 -27.55 -18.17
N ALA B 164 -0.30 -26.59 -17.37
CA ALA B 164 0.62 -26.84 -16.26
C ALA B 164 0.43 -28.19 -15.59
N ARG B 165 1.12 -29.22 -16.05
CA ARG B 165 1.01 -30.49 -15.39
C ARG B 165 2.45 -30.90 -15.52
N ASN B 166 3.10 -31.05 -14.37
CA ASN B 166 4.50 -31.43 -14.40
C ASN B 166 5.27 -30.28 -15.00
N ALA B 167 4.84 -29.09 -14.61
CA ALA B 167 5.44 -27.84 -15.01
C ALA B 167 6.12 -27.37 -13.73
N VAL B 168 7.20 -26.63 -13.82
CA VAL B 168 7.82 -26.21 -12.58
C VAL B 168 7.55 -24.70 -12.48
N VAL B 169 6.44 -24.33 -11.85
CA VAL B 169 6.09 -22.92 -11.76
C VAL B 169 6.10 -22.38 -10.35
N ALA B 170 6.36 -21.08 -10.23
CA ALA B 170 6.32 -20.42 -8.93
C ALA B 170 5.31 -19.30 -9.10
N SER B 171 4.11 -19.50 -8.57
CA SER B 171 3.04 -18.52 -8.67
C SER B 171 3.06 -17.49 -7.57
N MET B 172 2.85 -16.23 -7.94
CA MET B 172 2.84 -15.14 -6.99
C MET B 172 1.42 -14.87 -6.52
N ASP B 173 1.27 -14.49 -5.25
CA ASP B 173 -0.03 -14.19 -4.69
C ASP B 173 -0.48 -12.82 -5.22
N CYS B 174 -1.38 -12.83 -6.19
CA CYS B 174 -1.85 -11.58 -6.79
C CYS B 174 -3.18 -11.13 -6.24
N SER B 175 -4.01 -12.07 -5.82
CA SER B 175 -5.30 -11.71 -5.25
C SER B 175 -4.96 -10.74 -4.13
N ARG B 176 -5.79 -9.72 -3.96
CA ARG B 176 -5.56 -8.74 -2.90
C ARG B 176 -4.28 -7.90 -3.11
N VAL B 177 -3.73 -7.92 -4.32
CA VAL B 177 -2.57 -7.06 -4.62
C VAL B 177 -3.25 -5.89 -5.32
N GLY B 178 -3.06 -4.69 -4.80
CA GLY B 178 -3.72 -3.54 -5.38
C GLY B 178 -3.00 -2.81 -6.48
N TRP B 179 -3.60 -1.71 -6.92
CA TRP B 179 -3.04 -0.88 -7.96
C TRP B 179 -1.74 -0.23 -7.50
N LYS B 180 -0.62 -0.62 -8.13
CA LYS B 180 0.67 -0.05 -7.78
C LYS B 180 1.06 0.93 -8.88
N ARG B 181 2.01 1.80 -8.59
CA ARG B 181 2.45 2.78 -9.58
C ARG B 181 3.58 2.19 -10.41
N VAL B 182 3.47 2.29 -11.73
CA VAL B 182 4.51 1.79 -12.63
C VAL B 182 5.76 2.66 -12.42
N THR B 183 6.89 2.03 -12.12
CA THR B 183 8.12 2.79 -11.93
C THR B 183 9.18 2.20 -12.83
N SER B 184 10.28 2.94 -13.02
CA SER B 184 11.36 2.49 -13.87
C SER B 184 12.50 1.95 -13.03
N SER B 185 12.39 2.10 -11.72
CA SER B 185 13.43 1.63 -10.82
C SER B 185 12.92 1.30 -9.44
N ILE B 186 13.86 0.91 -8.58
CA ILE B 186 13.58 0.53 -7.20
C ILE B 186 14.45 1.36 -6.27
N PRO B 187 13.85 1.98 -5.25
CA PRO B 187 14.67 2.77 -4.34
C PRO B 187 15.23 1.86 -3.23
N SER B 188 16.19 1.02 -3.58
CA SER B 188 16.79 0.06 -2.63
C SER B 188 17.44 0.70 -1.42
N SER B 189 17.98 1.90 -1.63
CA SER B 189 18.65 2.69 -0.61
C SER B 189 17.69 3.27 0.44
N VAL B 190 16.42 2.89 0.38
CA VAL B 190 15.44 3.44 1.30
C VAL B 190 14.80 2.39 2.18
N ASP B 191 14.03 2.86 3.16
CA ASP B 191 13.34 1.98 4.07
C ASP B 191 12.56 0.96 3.26
N PRO B 192 12.69 -0.32 3.62
CA PRO B 192 11.98 -1.39 2.90
C PRO B 192 10.48 -1.10 2.73
N ASN B 193 9.93 -0.34 3.66
CA ASN B 193 8.51 -0.01 3.60
C ASN B 193 8.17 0.89 2.44
N VAL B 194 9.12 1.72 2.05
CA VAL B 194 8.94 2.62 0.93
C VAL B 194 8.95 1.75 -0.34
N VAL B 195 9.90 0.81 -0.38
CA VAL B 195 10.04 -0.07 -1.51
C VAL B 195 8.78 -0.90 -1.70
N ASN B 196 8.21 -1.36 -0.60
CA ASN B 196 7.01 -2.19 -0.65
C ASN B 196 5.90 -1.51 -1.45
N THR B 197 5.88 -0.18 -1.39
CA THR B 197 4.91 0.66 -2.08
C THR B 197 4.84 0.35 -3.57
N ILE B 198 5.99 0.00 -4.15
CA ILE B 198 6.10 -0.29 -5.57
C ILE B 198 6.38 -1.75 -5.91
N LEU B 199 6.87 -2.51 -4.93
CA LEU B 199 7.23 -3.90 -5.14
C LEU B 199 6.21 -4.89 -4.59
N PRO B 200 5.32 -5.41 -5.46
CA PRO B 200 4.32 -6.38 -5.00
C PRO B 200 4.98 -7.58 -4.35
N ALA B 201 6.10 -8.01 -4.92
CA ALA B 201 6.82 -9.15 -4.38
C ALA B 201 8.15 -9.34 -5.10
N ARG B 202 8.96 -10.24 -4.55
CA ARG B 202 10.27 -10.57 -5.12
C ARG B 202 10.28 -12.08 -5.31
N LEU B 203 10.74 -12.54 -6.46
CA LEU B 203 10.84 -13.97 -6.67
C LEU B 203 12.22 -14.34 -6.16
N ALA B 204 12.29 -15.40 -5.36
CA ALA B 204 13.57 -15.85 -4.83
C ALA B 204 13.88 -17.17 -5.51
N VAL B 205 15.03 -17.24 -6.16
CA VAL B 205 15.44 -18.45 -6.85
C VAL B 205 16.75 -18.91 -6.24
N ARG B 206 16.81 -20.17 -5.81
CA ARG B 206 18.02 -20.68 -5.19
C ARG B 206 18.48 -22.03 -5.72
N SER B 207 19.79 -22.21 -5.79
CA SER B 207 20.36 -23.46 -6.22
C SER B 207 20.47 -24.30 -4.96
N SER B 208 19.84 -25.47 -4.95
CA SER B 208 19.87 -26.33 -3.78
C SER B 208 21.29 -26.74 -3.40
N ILE B 209 22.22 -26.66 -4.35
CA ILE B 209 23.60 -27.03 -4.10
C ILE B 209 24.57 -26.11 -4.84
N LYS B 210 25.85 -26.19 -4.48
CA LYS B 210 26.87 -25.37 -5.12
C LYS B 210 27.65 -26.18 -6.16
N PRO B 211 27.44 -25.87 -7.45
CA PRO B 211 28.17 -26.61 -8.48
C PRO B 211 29.66 -26.26 -8.33
N THR B 212 30.55 -27.09 -8.86
CA THR B 212 31.97 -26.83 -8.75
C THR B 212 32.35 -25.60 -9.56
N VAL B 213 31.51 -25.24 -10.51
CA VAL B 213 31.76 -24.08 -11.34
C VAL B 213 30.44 -23.34 -11.55
N SER B 214 30.50 -22.01 -11.56
CA SER B 214 29.29 -21.21 -11.76
C SER B 214 28.69 -21.68 -13.08
N ASP B 215 27.38 -21.90 -13.11
CA ASP B 215 26.72 -22.36 -14.32
C ASP B 215 25.25 -21.98 -14.35
N THR B 216 24.58 -22.24 -15.47
CA THR B 216 23.16 -21.94 -15.61
C THR B 216 22.51 -23.14 -16.29
N PRO B 217 21.81 -23.99 -15.51
CA PRO B 217 21.16 -25.16 -16.07
C PRO B 217 19.79 -24.95 -16.68
N GLY B 218 19.25 -23.74 -16.59
CA GLY B 218 17.94 -23.50 -17.14
C GLY B 218 17.61 -22.02 -17.24
N LYS B 219 16.37 -21.72 -17.61
CA LYS B 219 15.94 -20.35 -17.75
C LYS B 219 14.59 -20.15 -17.10
N LEU B 220 14.34 -18.94 -16.64
CA LEU B 220 13.09 -18.61 -16.00
C LEU B 220 12.30 -17.73 -16.94
N TYR B 221 11.05 -18.11 -17.19
CA TYR B 221 10.19 -17.34 -18.05
C TYR B 221 8.99 -16.92 -17.23
N VAL B 222 8.58 -15.68 -17.40
CA VAL B 222 7.44 -15.18 -16.67
C VAL B 222 6.19 -15.12 -17.53
N ILE B 223 5.08 -15.57 -16.95
CA ILE B 223 3.78 -15.55 -17.60
C ILE B 223 3.00 -14.55 -16.75
N ALA B 224 3.03 -13.29 -17.16
CA ALA B 224 2.35 -12.24 -16.42
C ALA B 224 0.99 -11.85 -17.02
N SER B 225 0.06 -11.44 -16.16
CA SER B 225 -1.27 -10.98 -16.58
C SER B 225 -1.50 -9.74 -15.72
N MET B 226 -1.80 -8.62 -16.34
CA MET B 226 -2.00 -7.40 -15.58
C MET B 226 -2.97 -6.44 -16.26
N VAL B 227 -3.35 -5.41 -15.52
CA VAL B 227 -4.23 -4.38 -16.05
C VAL B 227 -3.44 -3.07 -15.86
N LEU B 228 -3.46 -2.22 -16.87
CA LEU B 228 -2.74 -0.94 -16.81
C LEU B 228 -3.79 0.16 -16.75
N ARG B 229 -3.49 1.28 -16.11
CA ARG B 229 -4.53 2.28 -15.98
C ARG B 229 -4.43 3.68 -16.55
N ASP B 230 -3.71 4.58 -15.90
CA ASP B 230 -3.69 5.95 -16.38
C ASP B 230 -2.49 6.28 -17.24
N PRO B 231 -2.74 6.54 -18.53
CA PRO B 231 -1.69 6.87 -19.50
C PRO B 231 -0.69 7.94 -19.09
N VAL B 232 0.53 7.79 -19.60
CA VAL B 232 1.61 8.75 -19.39
C VAL B 232 2.51 8.61 -20.60
N ASP B 233 3.28 9.66 -20.86
CA ASP B 233 4.21 9.62 -21.96
C ASP B 233 5.30 8.62 -21.53
N PRO B 234 5.49 7.56 -22.32
CA PRO B 234 6.49 6.53 -22.00
C PRO B 234 7.83 7.12 -21.56
N THR B 235 8.21 8.24 -22.15
CA THR B 235 9.47 8.88 -21.82
C THR B 235 9.47 9.62 -20.49
N LEU B 236 8.29 9.93 -19.96
CA LEU B 236 8.22 10.64 -18.68
C LEU B 236 7.96 9.70 -17.53
N ASN B 237 7.71 8.43 -17.85
CA ASN B 237 7.41 7.44 -16.83
C ASN B 237 8.65 6.92 -16.12
N THR B 238 8.77 7.25 -14.85
CA THR B 238 9.91 6.80 -14.05
C THR B 238 9.42 6.27 -12.70
N ALA C 27 6.97 -64.97 -5.51
CA ALA C 27 6.86 -64.53 -6.93
C ALA C 27 8.23 -64.26 -7.54
N GLU C 28 8.23 -63.80 -8.79
CA GLU C 28 9.45 -63.50 -9.51
C GLU C 28 10.08 -62.20 -9.04
N PRO C 29 11.42 -62.17 -8.92
CA PRO C 29 12.05 -60.92 -8.48
C PRO C 29 11.82 -59.90 -9.58
N GLN C 30 11.42 -58.69 -9.22
CA GLN C 30 11.16 -57.70 -10.25
C GLN C 30 12.45 -57.03 -10.73
N LEU C 31 12.63 -57.05 -12.05
CA LEU C 31 13.81 -56.51 -12.70
C LEU C 31 13.77 -54.99 -12.90
N GLN C 32 13.95 -54.25 -11.80
CA GLN C 32 13.93 -52.79 -11.81
C GLN C 32 14.76 -52.15 -12.90
N ARG C 33 14.19 -51.14 -13.55
CA ARG C 33 14.87 -50.41 -14.63
C ARG C 33 15.43 -49.12 -14.01
N ALA C 34 16.76 -48.99 -13.99
CA ALA C 34 17.37 -47.82 -13.38
C ALA C 34 17.47 -46.61 -14.31
N PRO C 35 16.81 -45.51 -13.91
CA PRO C 35 16.76 -44.26 -14.64
C PRO C 35 18.02 -43.44 -14.37
N VAL C 36 18.40 -42.63 -15.37
CA VAL C 36 19.60 -41.78 -15.30
C VAL C 36 19.56 -40.95 -14.03
N ALA C 37 18.32 -40.61 -13.66
CA ALA C 37 18.02 -39.85 -12.48
C ALA C 37 16.63 -40.25 -12.04
N GLN C 38 16.00 -39.32 -11.33
CA GLN C 38 14.63 -39.34 -10.77
C GLN C 38 14.31 -38.02 -10.12
N ALA C 39 13.49 -37.19 -10.75
CA ALA C 39 13.17 -35.89 -10.20
C ALA C 39 12.77 -35.88 -8.73
N SER C 40 13.37 -34.99 -7.96
CA SER C 40 13.02 -34.84 -6.56
C SER C 40 12.24 -33.53 -6.58
N ARG C 41 10.95 -33.60 -6.29
CA ARG C 41 10.13 -32.41 -6.33
C ARG C 41 9.21 -32.22 -5.15
N ILE C 42 9.03 -30.95 -4.77
CA ILE C 42 8.13 -30.59 -3.69
C ILE C 42 7.38 -29.37 -4.20
N SER C 43 6.06 -29.38 -4.08
CA SER C 43 5.25 -28.27 -4.53
C SER C 43 4.53 -27.60 -3.37
N GLY C 44 4.87 -26.34 -3.13
CA GLY C 44 4.23 -25.62 -2.05
C GLY C 44 4.96 -25.70 -0.73
N THR C 45 4.72 -24.70 0.11
CA THR C 45 5.34 -24.62 1.42
C THR C 45 5.17 -25.95 2.13
N VAL C 46 6.28 -26.49 2.61
CA VAL C 46 6.30 -27.75 3.32
C VAL C 46 5.22 -27.77 4.42
N PRO C 47 4.42 -28.84 4.48
CA PRO C 47 3.33 -29.03 5.45
C PRO C 47 3.74 -28.81 6.90
N GLY C 48 2.82 -28.25 7.68
CA GLY C 48 3.09 -27.97 9.08
C GLY C 48 2.03 -27.03 9.61
N PRO C 49 2.16 -26.55 10.85
CA PRO C 49 1.18 -25.64 11.45
C PRO C 49 0.90 -24.34 10.72
N LEU C 50 1.94 -23.67 10.23
CA LEU C 50 1.71 -22.40 9.55
C LEU C 50 2.19 -22.40 8.10
N SER C 51 1.63 -23.29 7.31
CA SER C 51 2.01 -23.43 5.90
C SER C 51 0.92 -23.01 4.93
N SER C 52 -0.31 -22.88 5.43
CA SER C 52 -1.42 -22.47 4.59
C SER C 52 -1.16 -21.10 3.99
N ASN C 53 -1.77 -20.83 2.83
CA ASN C 53 -1.61 -19.54 2.15
C ASN C 53 -1.98 -18.45 3.16
N THR C 54 -3.12 -18.67 3.83
CA THR C 54 -3.59 -17.73 4.83
C THR C 54 -3.91 -18.52 6.10
N TRP C 55 -3.96 -17.80 7.22
CA TRP C 55 -4.24 -18.39 8.51
C TRP C 55 -4.92 -17.33 9.38
N PRO C 56 -6.15 -17.60 9.83
CA PRO C 56 -6.88 -16.63 10.67
C PRO C 56 -6.53 -16.90 12.13
N LEU C 57 -6.38 -15.84 12.91
CA LEU C 57 -6.06 -16.02 14.31
C LEU C 57 -6.75 -15.01 15.21
N HIS C 58 -7.36 -15.52 16.27
CA HIS C 58 -8.06 -14.70 17.24
C HIS C 58 -7.35 -14.96 18.57
N SER C 59 -7.17 -13.93 19.38
CA SER C 59 -6.49 -14.12 20.65
C SER C 59 -6.66 -12.93 21.59
N VAL C 60 -6.46 -13.19 22.88
CA VAL C 60 -6.52 -12.13 23.89
C VAL C 60 -5.06 -11.89 24.25
N GLU C 61 -4.62 -10.65 24.21
CA GLU C 61 -3.23 -10.37 24.52
C GLU C 61 -3.08 -9.18 25.46
N PHE C 62 -2.37 -9.38 26.56
CA PHE C 62 -2.19 -8.28 27.49
C PHE C 62 -1.41 -7.19 26.75
N LEU C 63 -1.98 -6.01 26.70
CA LEU C 63 -1.34 -4.89 26.03
C LEU C 63 -0.42 -4.12 26.97
N ALA C 64 -0.96 -3.61 28.07
CA ALA C 64 -0.14 -2.85 29.00
C ALA C 64 -0.89 -2.39 30.24
N ASP C 65 -0.15 -1.75 31.15
CA ASP C 65 -0.74 -1.20 32.37
C ASP C 65 -1.30 0.16 32.02
N PHE C 66 -2.41 0.54 32.65
CA PHE C 66 -2.93 1.87 32.39
C PHE C 66 -2.11 2.76 33.34
N LYS C 67 -0.99 3.29 32.86
CA LYS C 67 -0.13 4.15 33.67
C LYS C 67 -0.71 5.55 33.74
N ARG C 68 -0.84 6.07 34.94
CA ARG C 68 -1.36 7.41 35.15
C ARG C 68 -0.25 8.36 35.61
N SER C 69 0.23 9.22 34.73
CA SER C 69 1.31 10.15 35.09
C SER C 69 0.82 11.23 36.05
N SER C 70 1.69 11.67 36.95
CA SER C 70 1.31 12.70 37.90
C SER C 70 1.86 14.06 37.47
N THR C 71 2.56 14.07 36.35
CA THR C 71 3.15 15.30 35.85
C THR C 71 2.71 15.61 34.41
N SER C 72 2.59 14.58 33.60
CA SER C 72 2.19 14.76 32.21
C SER C 72 0.71 14.53 31.99
N ALA C 73 0.14 15.28 31.04
CA ALA C 73 -1.27 15.14 30.70
C ALA C 73 -1.36 14.43 29.35
N ASP C 74 -0.20 14.25 28.74
CA ASP C 74 -0.10 13.60 27.43
C ASP C 74 -0.54 12.16 27.44
N ALA C 75 -1.21 11.75 26.36
CA ALA C 75 -1.68 10.39 26.25
C ALA C 75 -0.52 9.48 25.90
N THR C 76 -0.64 8.21 26.25
CA THR C 76 0.39 7.25 25.92
C THR C 76 -0.08 6.50 24.69
N THR C 77 0.86 6.28 23.78
CA THR C 77 0.59 5.63 22.52
C THR C 77 1.01 4.15 22.48
N TYR C 78 0.26 3.34 21.74
CA TYR C 78 0.58 1.91 21.60
C TYR C 78 0.38 1.53 20.14
N ASP C 79 1.44 1.06 19.49
CA ASP C 79 1.34 0.67 18.07
C ASP C 79 0.61 -0.64 17.89
N CYS C 80 -0.53 -0.58 17.19
CA CYS C 80 -1.35 -1.76 16.95
C CYS C 80 -0.79 -2.60 15.82
N VAL C 81 0.27 -3.32 16.13
CA VAL C 81 0.96 -4.15 15.17
C VAL C 81 1.35 -5.46 15.88
N PRO C 82 1.33 -6.59 15.16
CA PRO C 82 1.67 -7.91 15.70
C PRO C 82 2.88 -8.08 16.60
N PHE C 83 4.04 -7.55 16.21
CA PHE C 83 5.22 -7.73 17.04
C PHE C 83 5.10 -7.20 18.46
N ASN C 84 4.03 -6.47 18.75
CA ASN C 84 3.81 -5.94 20.10
C ASN C 84 2.94 -6.87 20.94
N LEU C 85 2.63 -8.05 20.39
CA LEU C 85 1.81 -9.04 21.07
C LEU C 85 2.61 -10.34 21.09
N PRO C 86 3.46 -10.53 22.13
CA PRO C 86 4.32 -11.69 22.33
C PRO C 86 3.85 -13.04 21.81
N ARG C 87 2.69 -13.49 22.26
CA ARG C 87 2.19 -14.79 21.82
C ARG C 87 1.79 -14.75 20.36
N VAL C 88 0.99 -13.76 19.99
CA VAL C 88 0.54 -13.63 18.61
C VAL C 88 1.73 -13.50 17.67
N TRP C 89 2.72 -12.72 18.10
CA TRP C 89 3.92 -12.49 17.32
C TRP C 89 4.62 -13.81 16.96
N SER C 90 4.61 -14.76 17.88
CA SER C 90 5.23 -16.07 17.66
C SER C 90 4.72 -16.72 16.39
N LEU C 91 3.42 -16.59 16.17
CA LEU C 91 2.76 -17.14 15.00
C LEU C 91 2.88 -16.18 13.82
N ALA C 92 2.59 -14.91 14.08
CA ALA C 92 2.62 -13.88 13.05
C ALA C 92 3.93 -13.74 12.31
N ARG C 93 5.07 -14.00 12.95
CA ARG C 93 6.34 -13.84 12.25
C ARG C 93 6.58 -14.93 11.22
N CYS C 94 5.70 -15.92 11.18
CA CYS C 94 5.83 -17.00 10.21
C CYS C 94 5.10 -16.66 8.93
N TYR C 95 4.44 -15.50 8.93
CA TYR C 95 3.71 -15.03 7.76
C TYR C 95 4.24 -13.65 7.42
N SER C 96 4.17 -13.28 6.14
CA SER C 96 4.69 -11.98 5.70
C SER C 96 3.66 -10.87 5.66
N MET C 97 2.39 -11.24 5.57
CA MET C 97 1.32 -10.26 5.50
C MET C 97 0.25 -10.53 6.53
N TRP C 98 -0.33 -9.46 7.05
CA TRP C 98 -1.38 -9.60 8.04
C TRP C 98 -2.42 -8.53 7.77
N LYS C 99 -3.63 -8.77 8.27
CA LYS C 99 -4.71 -7.82 8.10
C LYS C 99 -5.55 -7.89 9.36
N PRO C 100 -5.60 -6.79 10.13
CA PRO C 100 -6.39 -6.79 11.36
C PRO C 100 -7.88 -6.87 11.02
N THR C 101 -8.59 -7.65 11.81
CA THR C 101 -10.01 -7.84 11.62
C THR C 101 -10.78 -7.32 12.83
N ARG C 102 -10.15 -7.34 14.00
CA ARG C 102 -10.83 -6.87 15.20
C ARG C 102 -10.15 -5.88 16.11
N TRP C 103 -9.00 -6.24 16.67
CA TRP C 103 -8.33 -5.30 17.59
C TRP C 103 -9.21 -4.45 18.53
N ASP C 104 -9.52 -4.98 19.71
CA ASP C 104 -10.33 -4.27 20.71
C ASP C 104 -9.55 -4.25 22.02
N VAL C 105 -9.38 -3.08 22.61
CA VAL C 105 -8.65 -3.00 23.86
C VAL C 105 -9.59 -2.79 25.05
N VAL C 106 -9.57 -3.76 25.96
CA VAL C 106 -10.41 -3.76 27.14
C VAL C 106 -9.66 -3.26 28.37
N TYR C 107 -10.31 -2.39 29.13
CA TYR C 107 -9.72 -1.85 30.34
C TYR C 107 -10.30 -2.62 31.54
N LEU C 108 -9.42 -3.11 32.40
CA LEU C 108 -9.84 -3.86 33.58
C LEU C 108 -9.42 -3.07 34.81
N PRO C 109 -10.40 -2.62 35.61
CA PRO C 109 -10.05 -1.84 36.80
C PRO C 109 -9.53 -2.71 37.94
N GLU C 110 -8.53 -2.18 38.63
CA GLU C 110 -7.93 -2.85 39.78
C GLU C 110 -7.86 -1.82 40.91
N VAL C 111 -8.91 -1.01 41.03
CA VAL C 111 -8.96 0.01 42.07
C VAL C 111 -10.37 0.08 42.63
N SER C 112 -10.49 0.58 43.86
CA SER C 112 -11.78 0.71 44.53
C SER C 112 -12.70 1.76 43.90
N ALA C 113 -13.97 1.75 44.30
CA ALA C 113 -14.93 2.72 43.77
C ALA C 113 -14.80 4.05 44.52
N THR C 114 -13.62 4.29 45.06
CA THR C 114 -13.35 5.51 45.78
C THR C 114 -12.31 6.27 45.00
N VAL C 115 -11.82 5.63 43.95
CA VAL C 115 -10.79 6.20 43.11
C VAL C 115 -11.34 7.20 42.12
N ALA C 116 -10.81 8.42 42.17
CA ALA C 116 -11.24 9.47 41.25
C ALA C 116 -10.42 9.40 39.98
N GLY C 117 -10.97 9.93 38.90
CA GLY C 117 -10.27 9.92 37.64
C GLY C 117 -11.02 9.13 36.61
N SER C 118 -10.58 9.25 35.36
CA SER C 118 -11.20 8.55 34.25
C SER C 118 -10.11 8.08 33.31
N ILE C 119 -10.42 7.07 32.50
CA ILE C 119 -9.47 6.60 31.52
C ILE C 119 -10.05 7.03 30.18
N GLU C 120 -9.21 7.59 29.33
CA GLU C 120 -9.65 8.04 28.02
C GLU C 120 -8.90 7.28 26.95
N MET C 121 -9.63 6.73 26.00
CA MET C 121 -9.01 5.98 24.92
C MET C 121 -9.58 6.34 23.55
N CYS C 122 -8.72 6.30 22.55
CA CYS C 122 -9.12 6.60 21.18
C CYS C 122 -8.03 6.03 20.28
N PHE C 123 -8.27 6.02 18.98
CA PHE C 123 -7.28 5.50 18.04
C PHE C 123 -6.84 6.57 17.06
N LEU C 124 -5.54 6.57 16.76
CA LEU C 124 -4.96 7.53 15.81
C LEU C 124 -4.59 6.72 14.56
N TYR C 125 -5.18 7.08 13.42
CA TYR C 125 -4.92 6.35 12.19
C TYR C 125 -3.88 6.96 11.26
N ASP C 126 -3.17 7.99 11.73
CA ASP C 126 -2.11 8.61 10.94
C ASP C 126 -0.99 8.97 11.90
N TYR C 127 0.15 8.33 11.71
CA TYR C 127 1.32 8.56 12.56
C TYR C 127 1.72 10.02 12.68
N ALA C 128 1.39 10.79 11.65
CA ALA C 128 1.71 12.21 11.61
C ALA C 128 0.84 13.03 12.54
N ASP C 129 -0.29 12.46 12.95
CA ASP C 129 -1.22 13.16 13.83
C ASP C 129 -0.71 13.30 15.25
N THR C 130 -0.97 14.46 15.84
CA THR C 130 -0.54 14.76 17.19
C THR C 130 -1.31 14.00 18.25
N ILE C 131 -0.58 13.53 19.27
CA ILE C 131 -1.19 12.80 20.36
C ILE C 131 -1.98 13.76 21.25
N PRO C 132 -3.26 13.46 21.48
CA PRO C 132 -4.12 14.32 22.32
C PRO C 132 -3.52 14.51 23.71
N ARG C 133 -3.60 15.75 24.20
CA ARG C 133 -3.05 16.14 25.50
C ARG C 133 -4.16 16.46 26.49
N TYR C 134 -5.41 16.28 26.07
CA TYR C 134 -6.52 16.55 26.95
C TYR C 134 -7.86 15.99 26.49
N THR C 135 -8.79 15.91 27.44
CA THR C 135 -10.12 15.37 27.18
C THR C 135 -10.80 15.84 25.91
N GLY C 136 -10.86 17.14 25.70
CA GLY C 136 -11.49 17.64 24.50
C GLY C 136 -10.87 17.01 23.27
N LYS C 137 -9.55 17.05 23.18
CA LYS C 137 -8.85 16.47 22.03
C LYS C 137 -9.16 14.98 21.90
N MET C 138 -9.10 14.26 23.01
CA MET C 138 -9.39 12.84 23.00
C MET C 138 -10.79 12.53 22.50
N SER C 139 -11.77 13.31 22.96
CA SER C 139 -13.16 13.11 22.57
C SER C 139 -13.41 13.35 21.09
N ARG C 140 -12.61 14.24 20.51
CA ARG C 140 -12.74 14.56 19.09
C ARG C 140 -12.07 13.52 18.20
N THR C 141 -11.45 12.53 18.82
CA THR C 141 -10.74 11.50 18.08
C THR C 141 -11.51 10.18 17.94
N ALA C 142 -11.36 9.56 16.78
CA ALA C 142 -12.02 8.29 16.47
C ALA C 142 -11.86 7.22 17.52
N GLY C 143 -12.94 6.49 17.78
CA GLY C 143 -12.90 5.41 18.75
C GLY C 143 -12.89 5.86 20.19
N PHE C 144 -13.14 7.14 20.41
CA PHE C 144 -13.14 7.70 21.77
C PHE C 144 -14.00 6.95 22.76
N VAL C 145 -13.50 6.89 23.99
CA VAL C 145 -14.21 6.22 25.09
C VAL C 145 -13.60 6.67 26.43
N THR C 146 -14.45 6.83 27.45
CA THR C 146 -14.01 7.24 28.79
C THR C 146 -14.75 6.42 29.80
N SER C 147 -14.17 6.27 30.98
CA SER C 147 -14.83 5.49 32.01
C SER C 147 -14.27 5.78 33.38
N SER C 148 -15.13 5.64 34.39
CA SER C 148 -14.69 5.82 35.76
C SER C 148 -13.59 4.75 35.85
N VAL C 149 -12.44 5.16 36.34
CA VAL C 149 -11.32 4.26 36.48
C VAL C 149 -11.71 3.01 37.26
N TRP C 150 -12.80 3.09 38.01
CA TRP C 150 -13.22 1.93 38.77
C TRP C 150 -14.39 1.22 38.14
N TYR C 151 -14.71 1.54 36.88
CA TYR C 151 -15.81 0.88 36.20
C TYR C 151 -15.26 -0.09 35.15
N GLY C 152 -16.00 -1.15 34.85
CA GLY C 152 -15.54 -2.08 33.83
C GLY C 152 -14.97 -3.43 34.19
N ALA C 153 -15.12 -3.86 35.45
CA ALA C 153 -14.60 -5.15 35.87
C ALA C 153 -15.28 -6.28 35.11
N GLU C 154 -16.52 -6.05 34.69
CA GLU C 154 -17.27 -7.04 33.94
C GLU C 154 -16.54 -7.34 32.62
N GLY C 155 -15.52 -6.55 32.31
CA GLY C 155 -14.75 -6.74 31.10
C GLY C 155 -13.91 -8.00 31.18
N CYS C 156 -13.78 -8.52 32.39
CA CYS C 156 -13.01 -9.74 32.61
C CYS C 156 -13.68 -10.87 31.85
N HIS C 157 -15.01 -10.88 31.87
CA HIS C 157 -15.77 -11.93 31.18
C HIS C 157 -15.68 -11.79 29.67
N LEU C 158 -15.26 -10.62 29.22
CA LEU C 158 -15.12 -10.40 27.79
C LEU C 158 -13.92 -11.20 27.31
N LEU C 159 -12.84 -11.11 28.05
CA LEU C 159 -11.60 -11.81 27.72
C LEU C 159 -11.78 -13.30 27.49
N SER C 160 -12.87 -13.85 28.00
CA SER C 160 -13.16 -15.27 27.83
C SER C 160 -14.40 -15.37 26.97
N GLY C 161 -15.54 -15.61 27.61
CA GLY C 161 -16.78 -15.70 26.85
C GLY C 161 -17.06 -14.43 26.07
N GLY C 162 -18.05 -13.67 26.52
CA GLY C 162 -18.38 -12.43 25.84
C GLY C 162 -19.07 -11.52 26.82
N SER C 163 -20.05 -10.77 26.35
CA SER C 163 -20.82 -9.83 27.16
C SER C 163 -20.06 -8.53 27.41
N ALA C 164 -19.90 -7.75 26.33
CA ALA C 164 -19.20 -6.46 26.42
C ALA C 164 -20.17 -5.38 26.90
N ARG C 165 -21.34 -5.85 27.37
CA ARG C 165 -22.41 -4.99 27.85
C ARG C 165 -21.88 -3.95 28.84
N ASN C 166 -21.14 -4.43 29.84
CA ASN C 166 -20.59 -3.55 30.86
C ASN C 166 -19.08 -3.46 30.90
N ALA C 167 -18.47 -3.47 29.72
CA ALA C 167 -17.03 -3.42 29.59
C ALA C 167 -16.57 -2.09 29.02
N VAL C 168 -15.36 -1.68 29.37
CA VAL C 168 -14.80 -0.44 28.84
C VAL C 168 -13.88 -0.87 27.69
N VAL C 169 -14.39 -0.78 26.47
CA VAL C 169 -13.63 -1.19 25.30
C VAL C 169 -13.38 -0.09 24.26
N ALA C 170 -12.18 -0.08 23.69
CA ALA C 170 -11.83 0.88 22.65
C ALA C 170 -11.60 0.08 21.37
N SER C 171 -12.55 0.14 20.45
CA SER C 171 -12.46 -0.61 19.21
C SER C 171 -11.79 0.15 18.08
N MET C 172 -10.88 -0.54 17.38
CA MET C 172 -10.18 0.05 16.27
C MET C 172 -10.93 -0.21 14.97
N ASP C 173 -11.04 0.80 14.13
CA ASP C 173 -11.71 0.68 12.84
C ASP C 173 -10.87 -0.24 11.97
N CYS C 174 -11.32 -1.47 11.79
CA CYS C 174 -10.58 -2.44 11.00
C CYS C 174 -11.09 -2.61 9.59
N SER C 175 -12.35 -2.24 9.37
CA SER C 175 -12.92 -2.34 8.04
C SER C 175 -12.07 -1.39 7.21
N ARG C 176 -11.85 -1.72 5.95
CA ARG C 176 -11.07 -0.87 5.07
C ARG C 176 -9.57 -0.88 5.35
N VAL C 177 -9.13 -1.61 6.36
CA VAL C 177 -7.69 -1.71 6.63
C VAL C 177 -7.23 -2.82 5.70
N GLY C 178 -6.25 -2.52 4.84
CA GLY C 178 -5.79 -3.53 3.90
C GLY C 178 -4.76 -4.49 4.41
N TRP C 179 -4.13 -5.22 3.49
CA TRP C 179 -3.11 -6.17 3.86
C TRP C 179 -1.82 -5.44 4.14
N LYS C 180 -1.35 -5.53 5.38
CA LYS C 180 -0.12 -4.87 5.79
C LYS C 180 1.02 -5.89 5.84
N ARG C 181 2.23 -5.43 5.56
CA ARG C 181 3.42 -6.28 5.61
C ARG C 181 3.70 -6.51 7.11
N VAL C 182 4.08 -7.72 7.49
CA VAL C 182 4.39 -8.01 8.89
C VAL C 182 5.83 -7.57 9.13
N THR C 183 6.05 -6.75 10.15
CA THR C 183 7.39 -6.29 10.44
C THR C 183 7.73 -6.63 11.87
N SER C 184 9.01 -6.49 12.21
CA SER C 184 9.48 -6.79 13.56
C SER C 184 9.87 -5.46 14.20
N SER C 185 9.69 -4.37 13.44
CA SER C 185 10.00 -3.03 13.92
C SER C 185 9.26 -1.88 13.22
N ILE C 186 9.39 -0.68 13.78
CA ILE C 186 8.75 0.51 13.22
C ILE C 186 9.78 1.57 12.92
N PRO C 187 9.78 2.06 11.69
CA PRO C 187 10.78 3.06 11.35
C PRO C 187 10.26 4.37 12.00
N SER C 188 10.62 4.66 13.26
CA SER C 188 10.10 5.91 14.00
C SER C 188 10.64 7.31 13.50
N SER C 189 11.96 7.44 13.26
CA SER C 189 12.61 8.72 12.74
C SER C 189 12.49 8.79 11.20
N VAL C 190 11.32 8.44 10.70
CA VAL C 190 11.07 8.43 9.25
C VAL C 190 9.76 9.14 8.99
N ASP C 191 9.57 9.59 7.76
CA ASP C 191 8.35 10.30 7.44
C ASP C 191 7.16 9.48 7.89
N PRO C 192 6.24 10.12 8.62
CA PRO C 192 5.04 9.48 9.13
C PRO C 192 4.30 8.71 8.05
N ASN C 193 4.49 9.13 6.80
CA ASN C 193 3.83 8.47 5.70
C ASN C 193 4.39 7.09 5.45
N VAL C 194 5.69 6.90 5.66
CA VAL C 194 6.25 5.57 5.45
C VAL C 194 5.83 4.71 6.64
N VAL C 195 5.78 5.30 7.83
CA VAL C 195 5.35 4.53 9.00
C VAL C 195 3.92 4.05 8.78
N ASN C 196 3.09 4.90 8.21
CA ASN C 196 1.69 4.55 7.98
C ASN C 196 1.51 3.30 7.15
N THR C 197 2.49 3.00 6.31
CA THR C 197 2.42 1.84 5.43
C THR C 197 2.44 0.55 6.24
N ILE C 198 3.00 0.61 7.45
CA ILE C 198 3.09 -0.57 8.32
C ILE C 198 2.21 -0.49 9.55
N LEU C 199 1.84 0.72 9.95
CA LEU C 199 1.05 0.93 11.15
C LEU C 199 -0.41 1.29 10.94
N PRO C 200 -1.30 0.27 11.00
CA PRO C 200 -2.74 0.50 10.82
C PRO C 200 -3.27 1.60 11.74
N ALA C 201 -2.84 1.58 13.00
CA ALA C 201 -3.29 2.59 13.94
C ALA C 201 -2.54 2.55 15.25
N ARG C 202 -2.69 3.60 16.04
CA ARG C 202 -2.06 3.71 17.35
C ARG C 202 -3.20 3.84 18.36
N LEU C 203 -3.05 3.21 19.51
CA LEU C 203 -4.06 3.33 20.53
C LEU C 203 -3.55 4.44 21.44
N ALA C 204 -4.39 5.42 21.73
CA ALA C 204 -3.98 6.51 22.60
C ALA C 204 -4.72 6.37 23.91
N VAL C 205 -3.98 6.22 25.00
CA VAL C 205 -4.59 6.07 26.30
C VAL C 205 -4.21 7.27 27.15
N ARG C 206 -5.20 7.90 27.75
CA ARG C 206 -4.95 9.06 28.58
C ARG C 206 -5.70 9.05 29.89
N SER C 207 -5.11 9.70 30.89
CA SER C 207 -5.74 9.80 32.20
C SER C 207 -6.41 11.15 32.28
N SER C 208 -7.67 11.16 32.70
CA SER C 208 -8.41 12.40 32.80
C SER C 208 -7.84 13.31 33.87
N ILE C 209 -7.03 12.77 34.78
CA ILE C 209 -6.44 13.58 35.85
C ILE C 209 -5.04 13.14 36.26
N LYS C 210 -4.34 14.03 36.97
CA LYS C 210 -2.99 13.74 37.43
C LYS C 210 -3.02 13.37 38.91
N PRO C 211 -2.66 12.12 39.24
CA PRO C 211 -2.68 11.77 40.67
C PRO C 211 -1.51 12.50 41.30
N THR C 212 -1.46 12.56 42.63
CA THR C 212 -0.36 13.24 43.30
C THR C 212 0.94 12.50 42.98
N VAL C 213 0.81 11.22 42.67
CA VAL C 213 1.98 10.40 42.33
C VAL C 213 1.57 9.30 41.33
N SER C 214 2.45 9.03 40.37
CA SER C 214 2.18 8.03 39.34
C SER C 214 1.59 6.76 39.94
N ASP C 215 0.59 6.20 39.27
CA ASP C 215 -0.04 4.97 39.74
C ASP C 215 -0.56 4.11 38.59
N THR C 216 -1.12 2.96 38.91
CA THR C 216 -1.62 2.02 37.90
C THR C 216 -3.02 1.52 38.24
N PRO C 217 -4.05 2.29 37.91
CA PRO C 217 -5.44 1.91 38.21
C PRO C 217 -5.96 0.62 37.59
N GLY C 218 -5.45 0.24 36.42
CA GLY C 218 -5.96 -0.98 35.82
C GLY C 218 -5.08 -1.57 34.75
N LYS C 219 -5.63 -2.53 34.01
CA LYS C 219 -4.89 -3.20 32.96
C LYS C 219 -5.59 -3.08 31.62
N LEU C 220 -4.78 -3.12 30.56
CA LEU C 220 -5.29 -3.03 29.20
C LEU C 220 -4.98 -4.34 28.49
N TYR C 221 -6.03 -5.02 28.06
CA TYR C 221 -5.88 -6.29 27.36
C TYR C 221 -6.45 -6.08 25.97
N VAL C 222 -5.78 -6.66 24.98
CA VAL C 222 -6.24 -6.54 23.62
C VAL C 222 -6.92 -7.80 23.16
N ILE C 223 -8.05 -7.65 22.49
CA ILE C 223 -8.75 -8.80 21.94
C ILE C 223 -8.58 -8.59 20.44
N ALA C 224 -7.51 -9.16 19.90
CA ALA C 224 -7.16 -9.07 18.49
C ALA C 224 -7.72 -10.21 17.63
N SER C 225 -7.97 -9.93 16.36
CA SER C 225 -8.46 -10.92 15.40
C SER C 225 -7.81 -10.49 14.10
N MET C 226 -7.07 -11.39 13.48
CA MET C 226 -6.41 -11.01 12.25
C MET C 226 -6.27 -12.19 11.32
N VAL C 227 -5.86 -11.89 10.10
CA VAL C 227 -5.65 -12.93 9.12
C VAL C 227 -4.20 -12.80 8.66
N LEU C 228 -3.50 -13.91 8.66
CA LEU C 228 -2.11 -13.92 8.25
C LEU C 228 -2.08 -14.49 6.84
N ARG C 229 -1.13 -14.04 6.03
CA ARG C 229 -1.08 -14.54 4.67
C ARG C 229 0.33 -14.59 4.09
N ASP C 230 0.58 -15.61 3.28
CA ASP C 230 1.87 -15.81 2.63
C ASP C 230 2.99 -16.08 3.61
N PRO C 231 3.23 -17.35 3.92
CA PRO C 231 4.26 -17.83 4.83
C PRO C 231 5.66 -17.31 4.52
N VAL C 232 6.52 -17.38 5.51
CA VAL C 232 7.91 -16.97 5.37
C VAL C 232 8.70 -17.53 6.55
N ASP C 233 9.93 -17.95 6.30
CA ASP C 233 10.76 -18.48 7.38
C ASP C 233 10.81 -17.36 8.42
N PRO C 234 10.47 -17.67 9.69
CA PRO C 234 10.48 -16.68 10.77
C PRO C 234 11.78 -15.90 10.89
N THR C 235 12.89 -16.60 10.74
CA THR C 235 14.20 -15.99 10.87
C THR C 235 14.48 -14.93 9.80
N LEU C 236 13.70 -14.94 8.72
CA LEU C 236 13.89 -13.96 7.65
C LEU C 236 12.98 -12.75 7.87
N ASN C 237 11.87 -12.99 8.55
CA ASN C 237 10.88 -11.97 8.81
C ASN C 237 11.32 -10.81 9.70
N THR C 238 11.36 -9.62 9.11
CA THR C 238 11.74 -8.41 9.82
C THR C 238 10.85 -7.25 9.33
#